data_6SF1
#
_entry.id   6SF1
#
_cell.length_a   57.570
_cell.length_b   57.570
_cell.length_c   304.062
_cell.angle_alpha   90.000
_cell.angle_beta   90.000
_cell.angle_gamma   120.000
#
_symmetry.space_group_name_H-M   'P 65 2 2'
#
loop_
_entity.id
_entity.type
_entity.pdbx_description
1 polymer 'Serine/threonine-protein kinase receptor R3'
2 polymer 'Bone morphogenetic protein 10'
3 non-polymer 'NICKEL (II) ION'
4 water water
#
loop_
_entity_poly.entity_id
_entity_poly.type
_entity_poly.pdbx_seq_one_letter_code
_entity_poly.pdbx_strand_id
1 'polypeptide(L)'
;GDPVKPSRGPLVTCTCESPHCKGPTCRGAWCTVVLVREEGRHPQEHRGCGNLHRELCRGRPTEFVNHYCCDSHLCNHNVS
LVLEATQPPSEQPGTDGQ
;
A
2 'polypeptide(L)'
;NAKGNYCKRTPLYIDFKEIGWDSWIIAPPGYEAYECRGVCNYPLAEHLTPTKHAIIQALVHLKNSQKASKACCVPTKLEP
ISILYLDKGVVTYKFKYEGMAVSECGCR
;
B
#
loop_
_chem_comp.id
_chem_comp.type
_chem_comp.name
_chem_comp.formula
NI non-polymer 'NICKEL (II) ION' 'Ni 2'
#
# COMPACT_ATOMS: atom_id res chain seq x y z
N PRO A 10 2.03 5.42 -24.09
CA PRO A 10 3.48 5.54 -23.90
C PRO A 10 3.85 5.99 -22.49
N LEU A 11 5.02 5.59 -22.02
CA LEU A 11 5.49 5.90 -20.67
C LEU A 11 6.60 6.94 -20.73
N VAL A 12 7.18 7.24 -19.56
CA VAL A 12 8.25 8.22 -19.47
C VAL A 12 9.10 7.88 -18.25
N THR A 13 10.39 8.20 -18.33
CA THR A 13 11.28 7.97 -17.21
C THR A 13 11.23 9.16 -16.25
N CYS A 14 11.18 8.85 -14.95
CA CYS A 14 10.97 9.87 -13.94
C CYS A 14 11.95 9.69 -12.79
N THR A 15 12.31 10.81 -12.16
CA THR A 15 13.14 10.77 -10.96
C THR A 15 12.36 10.14 -9.82
N CYS A 16 12.98 9.18 -9.13
CA CYS A 16 12.34 8.46 -8.04
C CYS A 16 13.07 8.79 -6.74
N GLU A 17 12.38 9.51 -5.84
CA GLU A 17 12.91 9.85 -4.52
C GLU A 17 11.75 9.73 -3.52
N SER A 18 11.29 8.51 -3.30
CA SER A 18 10.19 8.20 -2.41
C SER A 18 10.49 6.91 -1.68
N PRO A 19 9.83 6.64 -0.56
CA PRO A 19 10.06 5.37 0.15
C PRO A 19 9.74 4.13 -0.69
N HIS A 20 8.96 4.27 -1.76
CA HIS A 20 8.58 3.15 -2.60
C HIS A 20 9.42 3.07 -3.88
N CYS A 21 10.65 3.57 -3.84
CA CYS A 21 11.51 3.63 -5.00
C CYS A 21 12.52 2.49 -4.94
N LYS A 22 12.41 1.55 -5.87
CA LYS A 22 13.39 0.48 -6.02
C LYS A 22 14.46 0.87 -7.05
N GLY A 23 15.02 2.05 -6.87
CA GLY A 23 15.99 2.59 -7.78
C GLY A 23 15.89 4.10 -7.90
N PRO A 24 16.86 4.72 -8.56
CA PRO A 24 16.84 6.19 -8.70
C PRO A 24 15.83 6.69 -9.71
N THR A 25 15.36 5.84 -10.63
CA THR A 25 14.40 6.24 -11.65
C THR A 25 13.23 5.26 -11.67
N CYS A 26 12.18 5.64 -12.38
CA CYS A 26 11.00 4.80 -12.54
C CYS A 26 10.33 5.18 -13.86
N ARG A 27 9.52 4.25 -14.37
CA ARG A 27 8.85 4.41 -15.66
C ARG A 27 7.34 4.40 -15.44
N GLY A 28 6.69 5.50 -15.80
CA GLY A 28 5.25 5.62 -15.65
C GLY A 28 4.68 6.52 -16.73
N ALA A 29 3.36 6.71 -16.68
CA ALA A 29 2.69 7.54 -17.68
C ALA A 29 3.03 9.02 -17.49
N TRP A 30 3.30 9.44 -16.26
CA TRP A 30 3.70 10.82 -15.99
C TRP A 30 4.57 10.84 -14.73
N CYS A 31 5.37 11.90 -14.63
CA CYS A 31 6.24 12.08 -13.47
C CYS A 31 5.53 12.92 -12.42
N THR A 32 5.76 12.59 -11.16
CA THR A 32 5.06 13.22 -10.05
C THR A 32 6.04 13.81 -9.04
N VAL A 33 5.67 14.97 -8.50
CA VAL A 33 6.27 15.53 -7.30
C VAL A 33 5.14 15.85 -6.34
N VAL A 34 5.13 15.20 -5.18
CA VAL A 34 4.06 15.35 -4.21
C VAL A 34 4.67 15.89 -2.92
N LEU A 35 4.23 17.09 -2.53
CA LEU A 35 4.68 17.73 -1.29
C LEU A 35 3.57 17.55 -0.25
N VAL A 36 3.81 16.70 0.74
CA VAL A 36 2.82 16.34 1.74
C VAL A 36 3.27 16.90 3.09
N ARG A 37 2.32 17.42 3.87
CA ARG A 37 2.60 17.89 5.22
C ARG A 37 1.55 17.33 6.16
N GLU A 38 2.00 16.54 7.15
CA GLU A 38 1.12 16.08 8.21
C GLU A 38 0.90 17.21 9.22
N GLU A 39 0.06 16.95 10.22
CA GLU A 39 -0.31 18.00 11.15
C GLU A 39 0.84 18.43 12.04
N GLY A 40 1.81 17.56 12.27
CA GLY A 40 2.84 17.84 13.25
C GLY A 40 4.24 18.06 12.72
N ARG A 41 4.70 17.16 11.84
CA ARG A 41 6.09 17.17 11.42
C ARG A 41 6.29 17.98 10.15
N HIS A 42 7.54 18.04 9.69
CA HIS A 42 7.90 18.87 8.54
C HIS A 42 7.37 18.26 7.24
N PRO A 43 7.03 19.10 6.26
CA PRO A 43 6.60 18.56 4.97
C PRO A 43 7.67 17.73 4.29
N GLN A 44 7.26 16.61 3.73
CA GLN A 44 8.13 15.72 2.96
C GLN A 44 7.83 15.85 1.47
N GLU A 45 8.87 15.78 0.66
CA GLU A 45 8.76 15.96 -0.79
C GLU A 45 9.04 14.63 -1.47
N HIS A 46 8.02 14.05 -2.09
CA HIS A 46 8.12 12.77 -2.77
C HIS A 46 8.21 12.99 -4.28
N ARG A 47 9.10 12.23 -4.92
CA ARG A 47 9.26 12.26 -6.37
C ARG A 47 9.12 10.86 -6.92
N GLY A 48 8.37 10.74 -8.01
CA GLY A 48 8.17 9.44 -8.62
C GLY A 48 7.32 9.55 -9.86
N CYS A 49 6.82 8.41 -10.31
CA CYS A 49 5.98 8.32 -11.49
C CYS A 49 4.52 8.17 -11.09
N GLY A 50 3.64 8.30 -12.09
CA GLY A 50 2.22 8.12 -11.88
C GLY A 50 1.55 7.45 -13.05
N ASN A 51 0.77 6.41 -12.78
CA ASN A 51 0.00 5.71 -13.80
C ASN A 51 -1.49 5.72 -13.55
N LEU A 52 -1.93 5.86 -12.30
CA LEU A 52 -3.34 5.87 -11.96
C LEU A 52 -3.69 7.16 -11.25
N HIS A 53 -4.98 7.49 -11.29
CA HIS A 53 -5.53 8.68 -10.62
C HIS A 53 -4.80 9.94 -11.08
N ARG A 54 -4.90 10.21 -12.39
CA ARG A 54 -4.33 11.43 -12.94
C ARG A 54 -5.00 12.67 -12.34
N GLU A 55 -6.25 12.53 -11.88
CA GLU A 55 -6.98 13.66 -11.32
C GLU A 55 -6.31 14.22 -10.07
N LEU A 56 -5.44 13.45 -9.42
CA LEU A 56 -4.66 14.00 -8.30
C LEU A 56 -3.78 15.16 -8.75
N CYS A 57 -3.31 15.12 -10.01
CA CYS A 57 -2.46 16.18 -10.53
C CYS A 57 -3.21 17.50 -10.64
N ARG A 58 -4.53 17.46 -10.82
CA ARG A 58 -5.31 18.67 -11.04
C ARG A 58 -5.71 19.35 -9.74
N GLY A 59 -5.43 18.75 -8.59
CA GLY A 59 -5.85 19.33 -7.33
C GLY A 59 -5.11 20.62 -7.03
N ARG A 60 -5.86 21.64 -6.63
CA ARG A 60 -5.24 22.90 -6.23
C ARG A 60 -4.40 22.69 -4.97
N PRO A 61 -3.22 23.31 -4.90
CA PRO A 61 -2.39 23.17 -3.69
C PRO A 61 -3.13 23.69 -2.47
N THR A 62 -3.00 22.94 -1.37
CA THR A 62 -3.63 23.29 -0.11
C THR A 62 -2.55 23.53 0.95
N GLU A 63 -2.98 23.73 2.19
CA GLU A 63 -2.05 23.89 3.30
C GLU A 63 -1.30 22.61 3.63
N PHE A 64 -1.71 21.47 3.06
CA PHE A 64 -1.15 20.18 3.45
C PHE A 64 -0.68 19.31 2.28
N VAL A 65 -1.12 19.58 1.05
CA VAL A 65 -0.74 18.73 -0.08
C VAL A 65 -0.57 19.60 -1.32
N ASN A 66 0.39 19.22 -2.17
CA ASN A 66 0.60 19.86 -3.46
C ASN A 66 1.04 18.79 -4.44
N HIS A 67 0.30 18.64 -5.54
CA HIS A 67 0.57 17.64 -6.56
C HIS A 67 1.10 18.33 -7.81
N TYR A 68 2.33 18.00 -8.20
CA TYR A 68 2.91 18.42 -9.46
C TYR A 68 3.09 17.21 -10.36
N CYS A 69 2.76 17.36 -11.64
CA CYS A 69 2.86 16.26 -12.59
C CYS A 69 3.35 16.78 -13.92
N CYS A 70 4.13 15.94 -14.61
CA CYS A 70 4.67 16.26 -15.92
C CYS A 70 5.02 14.94 -16.60
N ASP A 71 5.18 15.00 -17.93
CA ASP A 71 5.45 13.79 -18.70
C ASP A 71 6.63 13.97 -19.63
N SER A 72 7.60 14.79 -19.25
CA SER A 72 8.87 14.90 -19.95
C SER A 72 9.90 14.01 -19.27
N HIS A 73 11.01 13.77 -19.97
CA HIS A 73 12.05 12.90 -19.44
C HIS A 73 12.74 13.58 -18.25
N LEU A 74 12.64 12.96 -17.08
CA LEU A 74 13.25 13.48 -15.85
C LEU A 74 12.75 14.89 -15.53
N CYS A 75 11.50 15.18 -15.86
CA CYS A 75 10.95 16.51 -15.66
C CYS A 75 10.65 16.80 -14.19
N ASN A 76 10.51 15.75 -13.36
CA ASN A 76 10.22 15.91 -11.94
C ASN A 76 11.48 15.92 -11.08
N HIS A 77 12.62 16.31 -11.66
CA HIS A 77 13.90 16.29 -10.95
C HIS A 77 14.21 17.68 -10.42
N ASN A 78 14.47 17.75 -9.10
CA ASN A 78 14.89 18.99 -8.44
C ASN A 78 13.87 20.10 -8.62
N VAL A 79 12.59 19.74 -8.61
CA VAL A 79 11.49 20.69 -8.71
C VAL A 79 10.95 20.94 -7.31
N SER A 80 10.98 22.20 -6.89
CA SER A 80 10.56 22.58 -5.54
C SER A 80 9.11 23.05 -5.57
N LEU A 81 8.30 22.51 -4.64
CA LEU A 81 6.90 22.87 -4.51
C LEU A 81 6.70 23.69 -3.25
N VAL A 82 5.57 24.40 -3.21
CA VAL A 82 5.21 25.26 -2.09
C VAL A 82 3.76 24.98 -1.71
N LEU A 83 3.48 25.00 -0.41
CA LEU A 83 2.13 24.78 0.10
C LEU A 83 1.43 26.11 0.36
N GLU A 84 0.13 26.03 0.64
CA GLU A 84 -0.65 27.22 0.94
C GLU A 84 -0.52 27.56 2.43
N ALA A 85 -0.70 28.83 2.74
CA ALA A 85 -0.60 29.31 4.12
C ALA A 85 -1.77 28.83 4.95
N ASN B 5 7.29 2.18 9.58
CA ASN B 5 7.60 1.74 8.22
C ASN B 5 6.33 1.75 7.38
N TYR B 6 6.50 1.59 6.07
CA TYR B 6 5.38 1.75 5.15
C TYR B 6 4.64 0.42 4.96
N CYS B 7 3.44 0.52 4.38
CA CYS B 7 2.59 -0.64 4.14
C CYS B 7 3.26 -1.62 3.20
N LYS B 8 3.50 -2.83 3.68
CA LYS B 8 4.15 -3.87 2.89
C LYS B 8 3.77 -5.23 3.49
N ARG B 9 4.09 -6.29 2.74
CA ARG B 9 3.80 -7.64 3.16
C ARG B 9 4.93 -8.14 4.05
N THR B 10 4.59 -8.54 5.27
CA THR B 10 5.52 -9.03 6.28
C THR B 10 5.36 -10.53 6.48
N PRO B 11 6.45 -11.28 6.57
CA PRO B 11 6.33 -12.72 6.86
C PRO B 11 5.66 -12.96 8.20
N LEU B 12 4.71 -13.89 8.21
CA LEU B 12 3.99 -14.25 9.42
C LEU B 12 3.67 -15.73 9.37
N TYR B 13 4.36 -16.53 10.19
CA TYR B 13 4.13 -17.96 10.25
C TYR B 13 3.09 -18.27 11.31
N ILE B 14 2.07 -19.03 10.93
CA ILE B 14 1.00 -19.41 11.84
C ILE B 14 1.22 -20.86 12.26
N ASP B 15 1.36 -21.09 13.56
CA ASP B 15 1.44 -22.45 14.10
C ASP B 15 0.04 -22.84 14.53
N PHE B 16 -0.55 -23.81 13.83
CA PHE B 16 -1.93 -24.19 14.09
C PHE B 16 -2.12 -24.71 15.51
N LYS B 17 -1.09 -25.32 16.09
CA LYS B 17 -1.20 -25.82 17.46
C LYS B 17 -1.36 -24.67 18.45
N GLU B 18 -0.66 -23.57 18.22
CA GLU B 18 -0.67 -22.45 19.15
C GLU B 18 -1.89 -21.56 19.01
N ILE B 19 -2.78 -21.84 18.06
CA ILE B 19 -4.08 -21.20 17.98
C ILE B 19 -5.22 -22.19 18.17
N GLY B 20 -4.90 -23.43 18.53
CA GLY B 20 -5.92 -24.43 18.78
C GLY B 20 -6.50 -25.09 17.55
N TRP B 21 -5.98 -24.79 16.36
CA TRP B 21 -6.52 -25.36 15.12
C TRP B 21 -5.92 -26.71 14.78
N ASP B 22 -4.87 -27.15 15.47
CA ASP B 22 -4.31 -28.47 15.21
C ASP B 22 -5.25 -29.60 15.62
N SER B 23 -6.31 -29.29 16.38
CA SER B 23 -7.29 -30.31 16.73
C SER B 23 -8.00 -30.84 15.50
N TRP B 24 -8.12 -30.02 14.45
CA TRP B 24 -8.74 -30.45 13.21
C TRP B 24 -7.86 -30.28 11.99
N ILE B 25 -6.75 -29.54 12.09
CA ILE B 25 -5.80 -29.41 10.99
C ILE B 25 -4.71 -30.44 11.23
N ILE B 26 -4.78 -31.56 10.53
CA ILE B 26 -3.78 -32.62 10.68
C ILE B 26 -2.46 -32.18 10.07
N ALA B 27 -2.50 -31.59 8.88
CA ALA B 27 -1.30 -31.15 8.17
C ALA B 27 -1.67 -29.98 7.27
N PRO B 28 -0.75 -29.02 7.09
CA PRO B 28 0.59 -28.97 7.68
C PRO B 28 0.54 -28.47 9.13
N PRO B 29 1.65 -28.59 9.87
CA PRO B 29 1.67 -28.02 11.22
C PRO B 29 1.50 -26.51 11.21
N GLY B 30 1.92 -25.85 10.14
CA GLY B 30 1.74 -24.43 10.01
C GLY B 30 1.97 -23.99 8.58
N TYR B 31 1.91 -22.68 8.37
CA TYR B 31 2.11 -22.14 7.03
C TYR B 31 2.44 -20.65 7.12
N GLU B 32 3.03 -20.14 6.05
CA GLU B 32 3.36 -18.72 5.94
C GLU B 32 2.12 -17.98 5.47
N ALA B 33 1.37 -17.40 6.41
CA ALA B 33 0.18 -16.64 6.06
C ALA B 33 0.51 -15.21 5.64
N TYR B 34 1.69 -14.71 6.01
CA TYR B 34 2.11 -13.33 5.75
C TYR B 34 1.21 -12.33 6.45
N GLU B 35 1.57 -11.06 6.40
CA GLU B 35 0.82 -10.02 7.10
C GLU B 35 1.09 -8.69 6.45
N CYS B 36 0.06 -7.86 6.33
CA CYS B 36 0.17 -6.52 5.79
C CYS B 36 0.21 -5.54 6.95
N ARG B 37 1.42 -5.11 7.32
CA ARG B 37 1.60 -4.09 8.34
C ARG B 37 2.39 -2.93 7.75
N GLY B 38 2.25 -1.77 8.40
CA GLY B 38 2.85 -0.56 7.89
C GLY B 38 1.82 0.53 7.74
N VAL B 39 2.27 1.75 7.67
CA VAL B 39 1.38 2.91 7.60
C VAL B 39 1.11 3.24 6.14
N CYS B 40 -0.10 3.75 5.87
CA CYS B 40 -0.47 4.21 4.53
C CYS B 40 -0.42 5.74 4.48
N ASN B 41 0.80 6.25 4.49
CA ASN B 41 1.01 7.69 4.45
C ASN B 41 0.82 8.21 3.03
N TYR B 42 0.32 9.44 2.94
CA TYR B 42 0.09 10.04 1.64
C TYR B 42 1.39 10.57 1.05
N PRO B 43 1.61 10.41 -0.27
CA PRO B 43 0.70 9.80 -1.24
C PRO B 43 0.66 8.27 -1.18
N LEU B 44 -0.52 7.70 -1.39
CA LEU B 44 -0.68 6.26 -1.40
C LEU B 44 -0.08 5.69 -2.68
N ALA B 45 0.96 4.87 -2.53
CA ALA B 45 1.68 4.34 -3.68
C ALA B 45 0.76 3.47 -4.54
N GLU B 46 1.05 3.47 -5.86
CA GLU B 46 0.17 2.79 -6.79
C GLU B 46 0.27 1.26 -6.67
N HIS B 47 1.44 0.75 -6.26
CA HIS B 47 1.58 -0.70 -6.13
C HIS B 47 0.70 -1.26 -5.00
N LEU B 48 0.19 -0.40 -4.13
CA LEU B 48 -0.77 -0.79 -3.11
C LEU B 48 -2.21 -0.61 -3.58
N THR B 49 -2.43 -0.43 -4.89
CA THR B 49 -3.72 -0.28 -5.56
C THR B 49 -4.73 0.49 -4.72
N PRO B 50 -4.42 1.71 -4.27
CA PRO B 50 -5.36 2.42 -3.41
C PRO B 50 -6.59 2.89 -4.17
N THR B 51 -7.75 2.70 -3.56
CA THR B 51 -8.99 3.16 -4.16
C THR B 51 -9.12 4.68 -4.01
N LYS B 52 -10.05 5.26 -4.75
CA LYS B 52 -10.24 6.70 -4.69
C LYS B 52 -10.73 7.15 -3.33
N HIS B 53 -11.56 6.34 -2.66
CA HIS B 53 -11.99 6.69 -1.31
C HIS B 53 -10.81 6.68 -0.34
N ALA B 54 -9.92 5.70 -0.48
CA ALA B 54 -8.73 5.65 0.38
C ALA B 54 -7.85 6.88 0.16
N ILE B 55 -7.70 7.30 -1.11
CA ILE B 55 -6.91 8.49 -1.39
C ILE B 55 -7.58 9.73 -0.81
N ILE B 56 -8.90 9.83 -0.94
CA ILE B 56 -9.63 10.97 -0.38
C ILE B 56 -9.55 10.96 1.14
N GLN B 57 -9.77 9.79 1.76
CA GLN B 57 -9.70 9.70 3.20
C GLN B 57 -8.30 10.04 3.72
N ALA B 58 -7.26 9.69 2.96
CA ALA B 58 -5.92 10.08 3.35
C ALA B 58 -5.72 11.59 3.25
N LEU B 59 -6.43 12.25 2.34
CA LEU B 59 -6.30 13.70 2.20
C LEU B 59 -6.97 14.44 3.35
N VAL B 60 -8.11 13.93 3.82
CA VAL B 60 -8.80 14.57 4.94
C VAL B 60 -8.04 14.34 6.24
N HIS B 61 -7.38 13.18 6.38
CA HIS B 61 -6.55 12.94 7.55
C HIS B 61 -5.42 13.94 7.64
N LEU B 62 -4.90 14.41 6.49
CA LEU B 62 -3.86 15.43 6.50
C LEU B 62 -4.42 16.78 6.92
N LYS B 63 -5.65 17.09 6.51
CA LYS B 63 -6.27 18.36 6.88
C LYS B 63 -6.43 18.45 8.40
N ASN B 64 -7.00 17.42 9.01
CA ASN B 64 -7.05 17.30 10.46
C ASN B 64 -7.33 15.84 10.81
N SER B 65 -6.59 15.31 11.79
CA SER B 65 -6.67 13.90 12.12
C SER B 65 -7.99 13.53 12.80
N GLN B 66 -8.72 14.51 13.32
CA GLN B 66 -9.94 14.22 14.07
C GLN B 66 -11.10 13.81 13.15
N LYS B 67 -11.15 14.36 11.94
CA LYS B 67 -12.30 14.11 11.06
C LYS B 67 -12.23 12.73 10.43
N ALA B 68 -11.08 12.36 9.87
CA ALA B 68 -10.95 11.09 9.17
C ALA B 68 -9.64 10.42 9.57
N SER B 69 -9.72 9.13 9.86
CA SER B 69 -8.52 8.35 10.16
C SER B 69 -7.73 8.08 8.88
N LYS B 70 -6.51 7.60 9.07
CA LYS B 70 -5.63 7.32 7.94
C LYS B 70 -6.03 6.00 7.28
N ALA B 71 -5.78 5.92 5.98
CA ALA B 71 -6.00 4.68 5.25
C ALA B 71 -5.19 3.55 5.87
N CYS B 72 -5.74 2.35 5.85
CA CYS B 72 -5.17 1.22 6.57
C CYS B 72 -4.55 0.21 5.59
N CYS B 73 -3.48 -0.43 6.07
CA CYS B 73 -2.77 -1.45 5.30
C CYS B 73 -3.45 -2.80 5.54
N VAL B 74 -4.05 -3.36 4.49
CA VAL B 74 -4.79 -4.61 4.61
C VAL B 74 -4.50 -5.48 3.41
N PRO B 75 -4.65 -6.80 3.57
CA PRO B 75 -4.49 -7.70 2.43
C PRO B 75 -5.56 -7.44 1.37
N THR B 76 -5.15 -7.49 0.11
CA THR B 76 -6.04 -7.24 -1.02
C THR B 76 -6.31 -8.48 -1.86
N LYS B 77 -5.34 -9.37 -2.00
CA LYS B 77 -5.56 -10.65 -2.65
C LYS B 77 -5.02 -11.75 -1.76
N LEU B 78 -5.86 -12.72 -1.44
CA LEU B 78 -5.51 -13.85 -0.58
C LEU B 78 -5.36 -15.11 -1.42
N GLU B 79 -4.44 -15.97 -1.00
CA GLU B 79 -4.20 -17.22 -1.70
C GLU B 79 -4.60 -18.41 -0.84
N PRO B 80 -5.10 -19.48 -1.45
CA PRO B 80 -5.44 -20.67 -0.68
C PRO B 80 -4.21 -21.53 -0.39
N ILE B 81 -4.35 -22.38 0.62
CA ILE B 81 -3.36 -23.39 0.93
C ILE B 81 -4.05 -24.75 0.93
N SER B 82 -3.24 -25.80 0.84
CA SER B 82 -3.73 -27.17 0.90
C SER B 82 -3.54 -27.70 2.31
N ILE B 83 -4.60 -28.27 2.88
CA ILE B 83 -4.56 -28.78 4.25
C ILE B 83 -5.07 -30.22 4.26
N LEU B 84 -4.72 -30.93 5.32
CA LEU B 84 -5.31 -32.20 5.68
C LEU B 84 -6.10 -31.99 6.96
N TYR B 85 -7.42 -32.16 6.90
CA TYR B 85 -8.28 -31.86 8.02
C TYR B 85 -9.20 -33.03 8.32
N LEU B 86 -9.64 -33.11 9.57
CA LEU B 86 -10.55 -34.15 10.02
C LEU B 86 -11.97 -33.83 9.59
N ASP B 87 -12.60 -34.74 8.86
CA ASP B 87 -14.01 -34.65 8.52
C ASP B 87 -14.71 -35.80 9.24
N LYS B 88 -15.21 -35.50 10.44
CA LYS B 88 -15.81 -36.50 11.33
C LYS B 88 -14.84 -37.67 11.58
N GLY B 89 -13.63 -37.31 12.01
CA GLY B 89 -12.59 -38.29 12.28
C GLY B 89 -11.83 -38.80 11.07
N VAL B 90 -12.25 -38.43 9.86
CA VAL B 90 -11.64 -38.93 8.64
C VAL B 90 -10.69 -37.89 8.09
N VAL B 91 -9.45 -38.29 7.84
CA VAL B 91 -8.45 -37.39 7.28
C VAL B 91 -8.77 -37.17 5.81
N THR B 92 -9.22 -35.97 5.47
CA THR B 92 -9.57 -35.62 4.09
C THR B 92 -8.64 -34.53 3.59
N TYR B 93 -8.47 -34.48 2.27
CA TYR B 93 -7.56 -33.56 1.62
C TYR B 93 -8.36 -32.46 0.93
N LYS B 94 -8.21 -31.23 1.42
CA LYS B 94 -8.80 -30.05 0.79
C LYS B 94 -7.73 -29.36 -0.03
N PHE B 95 -7.97 -29.23 -1.34
CA PHE B 95 -6.95 -28.69 -2.23
C PHE B 95 -6.77 -27.19 -2.02
N LYS B 96 -7.86 -26.42 -2.04
CA LYS B 96 -7.80 -24.97 -1.91
C LYS B 96 -8.60 -24.55 -0.68
N TYR B 97 -7.89 -24.25 0.40
CA TYR B 97 -8.49 -23.62 1.58
C TYR B 97 -8.37 -22.11 1.39
N GLU B 98 -9.43 -21.50 0.86
CA GLU B 98 -9.35 -20.12 0.39
C GLU B 98 -9.13 -19.14 1.53
N GLY B 99 -8.52 -18.00 1.19
CA GLY B 99 -8.37 -16.88 2.10
C GLY B 99 -7.41 -17.10 3.26
N MET B 100 -6.31 -17.80 3.02
CA MET B 100 -5.37 -18.16 4.09
C MET B 100 -4.04 -17.41 4.02
N ALA B 101 -3.45 -17.29 2.83
CA ALA B 101 -2.14 -16.67 2.66
C ALA B 101 -2.29 -15.34 1.93
N VAL B 102 -1.48 -14.37 2.34
CA VAL B 102 -1.49 -13.04 1.72
C VAL B 102 -0.52 -13.03 0.56
N SER B 103 -1.01 -12.61 -0.61
CA SER B 103 -0.16 -12.42 -1.78
C SER B 103 0.04 -10.96 -2.16
N GLU B 104 -0.97 -10.11 -1.93
CA GLU B 104 -0.89 -8.69 -2.26
C GLU B 104 -1.47 -7.87 -1.12
N CYS B 105 -0.77 -6.83 -0.72
CA CYS B 105 -1.27 -5.88 0.25
C CYS B 105 -1.80 -4.64 -0.45
N GLY B 106 -2.32 -3.70 0.33
CA GLY B 106 -2.84 -2.47 -0.25
C GLY B 106 -3.33 -1.54 0.84
N CYS B 107 -3.74 -0.35 0.40
CA CYS B 107 -4.30 0.67 1.28
C CYS B 107 -5.76 0.88 0.91
N ARG B 108 -6.64 0.68 1.87
CA ARG B 108 -8.08 0.82 1.63
C ARG B 108 -8.70 1.77 2.64
NI NI C . -0.13 11.04 6.03
NI NI D . -8.17 13.62 -15.17
NI NI E . 3.92 -5.37 -0.83
NI NI F . -11.09 3.14 -7.15
NI NI G . 1.35 -18.54 16.05
#